data_2BZL
#
_entry.id   2BZL
#
_cell.length_a   87.636
_cell.length_b   87.636
_cell.length_c   77.115
_cell.angle_alpha   90.00
_cell.angle_beta   90.00
_cell.angle_gamma   120.00
#
_symmetry.space_group_name_H-M   'P 32 2 1'
#
loop_
_entity.id
_entity.type
_entity.pdbx_description
1 polymer 'TYROSINE-PROTEIN PHOSPHATASE, NON-RECEPTOR TYPE 14'
2 non-polymer 'SULFATE ION'
3 non-polymer 1,2-ETHANEDIOL
4 water water
#
_entity_poly.entity_id   1
_entity_poly.type   'polypeptide(L)'
_entity_poly.pdbx_seq_one_letter_code
;MHHHHHHSSGVDLGTENLYFQSMVDATRVPMDERFRTLKKKLEEGMVFTEYEQIPKKKANGIFSTAALPENAERSRIREV
VPYEENRVELIPTKENNTGYINASHIKVVVGGAEWHYIATQGPLPHTCHDFWQMVWEQGVNVIAMVTAEEEGGRTKSHRY
WPKLGSKHSSATYGKFKVTTKFRTDSVCYATTGLKVKHLLSGQERTVWHLQYTDWPDHGCPEDVQGFLSYLEEIQSVRRH
TNSMLEGTKNRHPPIVVHCSAGVGRTGVLILSELMIYCLEHNEKVEVPMMLRLLREQRMFMIQTIAQYKFVYQVLIQFLQ
NSRLI
;
_entity_poly.pdbx_strand_id   A
#
# COMPACT_ATOMS: atom_id res chain seq x y z
N GLU A 33 30.09 0.66 10.28
CA GLU A 33 29.75 2.11 10.08
C GLU A 33 28.29 2.30 9.65
N ARG A 34 27.86 1.54 8.64
CA ARG A 34 26.48 1.66 8.13
C ARG A 34 25.46 1.48 9.25
N PHE A 35 25.66 0.47 10.09
CA PHE A 35 24.74 0.21 11.21
C PHE A 35 24.77 1.35 12.21
N ARG A 36 25.99 1.74 12.60
CA ARG A 36 26.19 2.84 13.54
C ARG A 36 25.61 4.15 13.01
N THR A 37 25.68 4.36 11.70
CA THR A 37 25.12 5.55 11.06
C THR A 37 23.59 5.60 11.24
N LEU A 38 22.92 4.47 11.00
CA LEU A 38 21.45 4.41 11.13
C LEU A 38 21.02 4.60 12.58
N LYS A 39 21.66 3.86 13.49
CA LYS A 39 21.34 3.95 14.91
C LYS A 39 21.56 5.36 15.44
N LYS A 40 22.66 5.99 15.02
CA LYS A 40 22.98 7.37 15.44
C LYS A 40 21.91 8.36 15.00
N LYS A 41 21.55 8.32 13.71
CA LYS A 41 20.53 9.21 13.15
C LYS A 41 19.28 9.22 14.02
N LEU A 42 18.86 8.01 14.42
CA LEU A 42 17.67 7.86 15.24
C LEU A 42 17.88 8.47 16.62
N MET A 46 18.19 13.66 15.25
CA MET A 46 18.55 14.23 13.94
C MET A 46 17.52 13.93 12.84
N VAL A 47 16.73 12.87 13.03
CA VAL A 47 15.73 12.47 12.03
C VAL A 47 14.61 13.50 11.83
N PHE A 48 14.26 14.22 12.90
CA PHE A 48 13.24 15.27 12.79
C PHE A 48 13.57 16.24 11.67
N THR A 49 14.76 16.80 11.72
CA THR A 49 15.16 17.81 10.75
C THR A 49 15.23 17.21 9.34
N GLU A 50 15.74 15.99 9.24
CA GLU A 50 15.83 15.30 7.98
C GLU A 50 14.45 15.15 7.34
N TYR A 51 13.49 14.71 8.13
CA TYR A 51 12.11 14.53 7.67
C TYR A 51 11.46 15.86 7.32
N GLU A 52 11.52 16.79 8.27
CA GLU A 52 10.80 18.05 8.18
C GLU A 52 11.23 18.85 6.96
N GLN A 53 12.47 18.64 6.51
CA GLN A 53 13.02 19.32 5.32
C GLN A 53 12.55 18.81 3.96
N ILE A 54 11.94 17.62 3.89
CA ILE A 54 11.58 17.02 2.60
C ILE A 54 10.25 17.60 2.12
N PRO A 55 10.20 18.16 0.89
CA PRO A 55 8.95 18.63 0.30
C PRO A 55 7.83 17.59 0.32
N LYS A 56 6.61 18.04 0.64
CA LYS A 56 5.43 17.17 0.67
C LYS A 56 4.98 16.67 -0.68
N LYS A 57 5.18 17.45 -1.72
CA LYS A 57 4.69 17.10 -3.04
C LYS A 57 5.55 17.69 -4.14
N LYS A 58 5.36 17.17 -5.35
CA LYS A 58 5.99 17.73 -6.54
C LYS A 58 5.63 19.21 -6.68
N ALA A 59 6.61 20.01 -7.04
CA ALA A 59 6.43 21.45 -7.15
C ALA A 59 5.42 21.85 -8.23
N ASN A 60 5.53 21.24 -9.41
CA ASN A 60 4.62 21.53 -10.51
C ASN A 60 3.65 20.39 -10.78
N GLY A 61 3.09 19.84 -9.71
CA GLY A 61 2.13 18.74 -9.81
C GLY A 61 0.86 19.10 -10.56
N ILE A 62 0.35 18.15 -11.34
CA ILE A 62 -0.90 18.31 -12.06
C ILE A 62 -1.87 17.24 -11.57
N PHE A 63 -3.12 17.62 -11.33
CA PHE A 63 -4.12 16.66 -10.82
C PHE A 63 -5.51 16.99 -11.35
N SER A 64 -5.58 17.15 -12.66
CA SER A 64 -6.80 17.62 -13.33
C SER A 64 -8.02 16.74 -13.06
N THR A 65 -7.90 15.44 -13.29
CA THR A 65 -9.03 14.53 -13.09
C THR A 65 -9.46 14.46 -11.63
N ALA A 66 -8.50 14.32 -10.72
CA ALA A 66 -8.81 14.27 -9.29
C ALA A 66 -9.49 15.55 -8.81
N ALA A 67 -9.21 16.66 -9.48
CA ALA A 67 -9.74 17.97 -9.07
C ALA A 67 -11.16 18.24 -9.57
N LEU A 68 -11.67 17.39 -10.47
CA LEU A 68 -13.01 17.57 -11.01
C LEU A 68 -14.04 17.46 -9.89
N PRO A 69 -15.03 18.40 -9.85
CA PRO A 69 -16.02 18.32 -8.79
C PRO A 69 -16.67 16.93 -8.66
N GLU A 70 -16.90 16.25 -9.78
CA GLU A 70 -17.50 14.92 -9.76
C GLU A 70 -16.64 13.88 -9.03
N ASN A 71 -15.34 14.13 -8.92
CA ASN A 71 -14.43 13.18 -8.26
C ASN A 71 -14.07 13.54 -6.82
N ALA A 72 -14.62 14.64 -6.34
CA ALA A 72 -14.36 15.07 -4.97
C ALA A 72 -14.83 14.01 -3.96
N GLU A 73 -16.04 13.50 -4.15
CA GLU A 73 -16.62 12.52 -3.22
C GLU A 73 -15.89 11.17 -3.28
N ARG A 74 -15.15 10.93 -4.36
CA ARG A 74 -14.40 9.67 -4.49
C ARG A 74 -13.08 9.68 -3.72
N SER A 75 -12.72 10.81 -3.14
CA SER A 75 -11.52 10.90 -2.30
C SER A 75 -11.90 10.96 -0.82
N ARG A 76 -11.24 10.13 -0.01
CA ARG A 76 -11.53 10.04 1.41
C ARG A 76 -11.07 11.31 2.10
N ILE A 77 -9.85 11.71 1.79
CA ILE A 77 -9.30 12.98 2.22
C ILE A 77 -9.08 13.76 0.96
N ARG A 78 -9.77 14.89 0.84
CA ARG A 78 -9.84 15.63 -0.41
C ARG A 78 -8.49 16.13 -0.88
N GLU A 79 -7.62 16.39 0.09
CA GLU A 79 -6.34 17.04 -0.16
C GLU A 79 -5.27 16.05 -0.61
N VAL A 80 -5.56 14.77 -0.53
CA VAL A 80 -4.61 13.75 -0.93
C VAL A 80 -5.16 13.10 -2.20
N VAL A 81 -4.50 13.38 -3.32
CA VAL A 81 -4.98 12.93 -4.64
C VAL A 81 -3.80 12.51 -5.52
N PRO A 82 -4.05 11.63 -6.50
CA PRO A 82 -3.00 11.23 -7.41
C PRO A 82 -2.65 12.30 -8.42
N TYR A 83 -1.37 12.35 -8.81
CA TYR A 83 -0.93 13.18 -9.93
C TYR A 83 -1.54 12.61 -11.21
N GLU A 84 -1.77 13.47 -12.18
CA GLU A 84 -2.49 13.06 -13.39
C GLU A 84 -1.73 11.98 -14.17
N GLU A 85 -0.42 12.13 -14.29
CA GLU A 85 0.36 11.26 -15.17
C GLU A 85 0.47 9.80 -14.72
N ASN A 86 0.27 9.53 -13.43
CA ASN A 86 0.38 8.15 -12.93
C ASN A 86 -0.79 7.69 -12.07
N ARG A 87 -1.92 8.41 -12.13
CA ARG A 87 -3.14 7.90 -11.50
C ARG A 87 -3.51 6.57 -12.14
N VAL A 88 -4.18 5.71 -11.38
CA VAL A 88 -4.65 4.45 -11.94
C VAL A 88 -5.92 4.71 -12.72
N GLU A 89 -5.89 4.47 -14.03
CA GLU A 89 -7.02 4.77 -14.89
C GLU A 89 -7.89 3.52 -14.98
N LEU A 90 -9.15 3.64 -14.57
CA LEU A 90 -10.12 2.58 -14.75
C LEU A 90 -10.75 2.73 -16.13
N ILE A 91 -11.24 1.63 -16.68
CA ILE A 91 -12.05 1.70 -17.88
C ILE A 91 -13.32 2.48 -17.50
N PRO A 92 -13.57 3.60 -18.19
CA PRO A 92 -14.76 4.37 -17.83
C PRO A 92 -16.07 3.62 -17.89
N THR A 93 -16.98 3.98 -16.97
CA THR A 93 -18.33 3.45 -16.92
C THR A 93 -19.30 4.63 -16.97
N LYS A 94 -20.59 4.32 -17.05
CA LYS A 94 -21.61 5.34 -17.10
C LYS A 94 -21.55 6.23 -15.86
N GLU A 95 -21.44 5.62 -14.68
CA GLU A 95 -21.44 6.39 -13.44
C GLU A 95 -20.08 7.03 -13.14
N ASN A 96 -19.01 6.45 -13.68
CA ASN A 96 -17.65 6.95 -13.44
C ASN A 96 -16.97 7.21 -14.78
N ASN A 97 -17.31 8.34 -15.38
CA ASN A 97 -16.93 8.61 -16.78
C ASN A 97 -15.46 8.90 -17.02
N THR A 98 -14.73 9.32 -15.98
CA THR A 98 -13.29 9.49 -16.10
C THR A 98 -12.51 8.28 -15.58
N GLY A 99 -13.21 7.25 -15.11
CA GLY A 99 -12.56 6.06 -14.58
C GLY A 99 -11.59 6.45 -13.48
N TYR A 100 -12.08 7.27 -12.55
CA TYR A 100 -11.27 7.81 -11.47
C TYR A 100 -11.35 6.97 -10.21
N ILE A 101 -10.18 6.67 -9.67
CA ILE A 101 -10.05 6.13 -8.33
C ILE A 101 -8.84 6.82 -7.73
N ASN A 102 -8.89 7.07 -6.42
CA ASN A 102 -7.79 7.72 -5.73
C ASN A 102 -6.71 6.69 -5.48
N ALA A 103 -5.84 6.56 -6.46
CA ALA A 103 -4.82 5.52 -6.47
C ALA A 103 -3.73 5.95 -7.43
N SER A 104 -2.49 5.60 -7.07
CA SER A 104 -1.29 5.99 -7.86
C SER A 104 -0.43 4.78 -8.17
N HIS A 105 0.07 4.73 -9.39
CA HIS A 105 1.16 3.79 -9.74
C HIS A 105 2.47 4.30 -9.17
N ILE A 106 3.09 3.51 -8.30
CA ILE A 106 4.42 3.80 -7.75
C ILE A 106 5.38 2.80 -8.38
N LYS A 107 6.34 3.30 -9.14
CA LYS A 107 7.31 2.43 -9.80
C LYS A 107 8.71 2.90 -9.46
N VAL A 108 9.52 1.98 -8.95
CA VAL A 108 10.89 2.27 -8.54
C VAL A 108 11.78 1.16 -9.07
N VAL A 109 12.90 1.54 -9.67
CA VAL A 109 13.90 0.59 -10.09
C VAL A 109 15.09 0.75 -9.16
N VAL A 110 15.54 -0.36 -8.58
CA VAL A 110 16.72 -0.37 -7.72
C VAL A 110 17.72 -1.33 -8.34
N GLY A 111 18.70 -0.75 -9.03
CA GLY A 111 19.65 -1.52 -9.82
C GLY A 111 18.94 -2.08 -11.03
N GLY A 112 18.77 -3.40 -11.03
CA GLY A 112 18.01 -4.09 -12.09
C GLY A 112 16.58 -4.39 -11.66
N ALA A 113 16.33 -4.37 -10.35
CA ALA A 113 15.05 -4.78 -9.80
C ALA A 113 14.00 -3.68 -9.95
N GLU A 114 12.81 -4.05 -10.40
CA GLU A 114 11.72 -3.12 -10.60
C GLU A 114 10.58 -3.45 -9.63
N TRP A 115 10.10 -2.42 -8.96
CA TRP A 115 9.01 -2.54 -8.01
C TRP A 115 7.84 -1.74 -8.55
N HIS A 116 6.64 -2.30 -8.44
CA HIS A 116 5.43 -1.60 -8.87
C HIS A 116 4.41 -1.80 -7.77
N TYR A 117 3.98 -0.70 -7.16
CA TYR A 117 2.89 -0.73 -6.21
C TYR A 117 1.77 0.13 -6.76
N ILE A 118 0.56 -0.17 -6.32
CA ILE A 118 -0.53 0.77 -6.42
C ILE A 118 -0.81 1.24 -4.99
N ALA A 119 -0.59 2.52 -4.71
CA ALA A 119 -0.87 3.13 -3.42
C ALA A 119 -2.24 3.75 -3.53
N THR A 120 -3.15 3.38 -2.64
CA THR A 120 -4.52 3.87 -2.71
C THR A 120 -5.10 4.09 -1.31
N GLN A 121 -6.24 4.77 -1.28
CA GLN A 121 -6.95 5.00 -0.02
C GLN A 121 -7.74 3.79 0.39
N GLY A 122 -8.08 3.71 1.67
CA GLY A 122 -9.09 2.77 2.16
C GLY A 122 -10.38 3.02 1.40
N PRO A 123 -10.93 1.99 0.74
CA PRO A 123 -12.16 2.23 -0.01
C PRO A 123 -13.28 2.84 0.83
N LEU A 124 -14.10 3.63 0.17
CA LEU A 124 -15.30 4.23 0.75
C LEU A 124 -16.48 3.33 0.47
N PRO A 125 -17.59 3.49 1.20
CA PRO A 125 -18.74 2.63 0.89
C PRO A 125 -19.19 2.71 -0.56
N HIS A 126 -18.97 3.85 -1.19
CA HIS A 126 -19.37 4.11 -2.55
C HIS A 126 -18.24 3.97 -3.58
N THR A 127 -17.07 3.47 -3.16
CA THR A 127 -15.99 3.18 -4.09
C THR A 127 -15.46 1.74 -4.03
N CYS A 128 -16.14 0.87 -3.30
CA CYS A 128 -15.71 -0.54 -3.25
C CYS A 128 -15.71 -1.19 -4.64
N HIS A 129 -16.73 -0.89 -5.44
CA HIS A 129 -16.78 -1.46 -6.79
C HIS A 129 -15.65 -0.93 -7.69
N ASP A 130 -15.24 0.33 -7.47
CA ASP A 130 -14.09 0.92 -8.17
C ASP A 130 -12.83 0.20 -7.75
N PHE A 131 -12.72 -0.07 -6.45
CA PHE A 131 -11.55 -0.76 -5.93
C PHE A 131 -11.40 -2.12 -6.58
N TRP A 132 -12.48 -2.90 -6.62
CA TRP A 132 -12.37 -4.26 -7.19
C TRP A 132 -12.16 -4.23 -8.70
N GLN A 133 -12.72 -3.23 -9.38
CA GLN A 133 -12.45 -3.03 -10.82
C GLN A 133 -10.96 -2.78 -11.04
N MET A 134 -10.37 -1.95 -10.19
CA MET A 134 -8.93 -1.71 -10.24
C MET A 134 -8.11 -2.99 -10.06
N VAL A 135 -8.44 -3.75 -9.01
CA VAL A 135 -7.71 -4.98 -8.70
C VAL A 135 -7.82 -5.92 -9.90
N TRP A 136 -9.01 -6.01 -10.46
CA TRP A 136 -9.21 -6.86 -11.63
C TRP A 136 -8.40 -6.41 -12.84
N GLU A 137 -8.61 -5.17 -13.26
CA GLU A 137 -7.94 -4.63 -14.46
C GLU A 137 -6.42 -4.59 -14.36
N GLN A 138 -5.89 -4.43 -13.16
CA GLN A 138 -4.45 -4.32 -12.98
C GLN A 138 -3.77 -5.66 -12.74
N GLY A 139 -4.56 -6.74 -12.67
CA GLY A 139 -4.02 -8.08 -12.46
C GLY A 139 -3.44 -8.33 -11.07
N VAL A 140 -3.93 -7.57 -10.11
CA VAL A 140 -3.48 -7.64 -8.74
C VAL A 140 -3.84 -8.97 -8.10
N ASN A 141 -2.85 -9.60 -7.46
CA ASN A 141 -3.01 -10.80 -6.67
C ASN A 141 -2.89 -10.58 -5.15
N VAL A 142 -2.35 -9.44 -4.74
CA VAL A 142 -2.01 -9.19 -3.33
C VAL A 142 -2.45 -7.77 -2.94
N ILE A 143 -3.15 -7.67 -1.82
CA ILE A 143 -3.54 -6.41 -1.23
C ILE A 143 -2.93 -6.37 0.15
N ALA A 144 -2.16 -5.32 0.44
CA ALA A 144 -1.62 -5.08 1.78
C ALA A 144 -2.40 -3.91 2.41
N MET A 145 -3.21 -4.23 3.41
CA MET A 145 -4.05 -3.25 4.10
C MET A 145 -3.41 -2.94 5.43
N VAL A 146 -2.87 -1.73 5.59
CA VAL A 146 -2.08 -1.40 6.76
C VAL A 146 -2.90 -0.57 7.74
N THR A 147 -4.07 -1.08 8.07
CA THR A 147 -4.97 -0.40 8.97
C THR A 147 -6.11 -1.33 9.39
N ALA A 148 -6.72 -1.03 10.52
CA ALA A 148 -8.01 -1.59 10.87
C ALA A 148 -9.07 -0.74 10.18
N GLU A 149 -10.27 -1.27 10.03
CA GLU A 149 -11.37 -0.53 9.42
C GLU A 149 -11.73 0.71 10.23
N GLU A 150 -11.74 0.54 11.55
CA GLU A 150 -12.04 1.63 12.48
C GLU A 150 -10.96 1.66 13.54
N GLU A 151 -10.49 2.85 13.87
CA GLU A 151 -9.51 3.04 14.94
C GLU A 151 -9.91 4.24 15.80
N GLY A 152 -10.03 4.02 17.10
CA GLY A 152 -10.41 5.09 18.03
C GLY A 152 -11.74 5.72 17.69
N GLY A 153 -12.66 4.91 17.16
CA GLY A 153 -13.99 5.37 16.79
C GLY A 153 -14.06 6.10 15.46
N ARG A 154 -12.94 6.15 14.74
CA ARG A 154 -12.84 6.88 13.48
C ARG A 154 -12.69 5.90 12.33
N THR A 155 -13.42 6.12 11.25
CA THR A 155 -13.41 5.20 10.11
C THR A 155 -12.15 5.41 9.29
N LYS A 156 -11.42 4.32 9.00
CA LYS A 156 -10.21 4.35 8.19
C LYS A 156 -10.42 3.70 6.84
N SER A 157 -11.26 2.66 6.79
CA SER A 157 -11.54 1.95 5.56
C SER A 157 -12.88 1.26 5.67
N HIS A 158 -13.61 1.21 4.56
CA HIS A 158 -14.82 0.40 4.52
C HIS A 158 -14.41 -1.06 4.48
N ARG A 159 -15.33 -1.92 4.88
CA ARG A 159 -15.14 -3.36 4.77
C ARG A 159 -15.52 -3.78 3.36
N TYR A 160 -14.52 -3.92 2.49
CA TYR A 160 -14.75 -4.21 1.07
C TYR A 160 -14.53 -5.69 0.76
N TRP A 161 -14.40 -6.51 1.78
CA TRP A 161 -14.35 -7.96 1.59
C TRP A 161 -15.29 -8.61 2.59
N PRO A 162 -15.83 -9.79 2.27
CA PRO A 162 -16.92 -10.34 3.09
C PRO A 162 -16.53 -10.50 4.55
N LYS A 163 -17.48 -10.13 5.44
CA LYS A 163 -17.34 -10.31 6.89
C LYS A 163 -17.60 -11.77 7.26
N LYS A 167 -23.15 -16.80 7.69
CA LYS A 167 -23.71 -17.91 6.93
C LYS A 167 -23.20 -17.87 5.49
N HIS A 168 -23.15 -16.66 4.95
CA HIS A 168 -22.74 -16.42 3.56
C HIS A 168 -21.35 -15.80 3.57
N SER A 169 -20.45 -16.35 2.77
CA SER A 169 -19.06 -15.88 2.73
C SER A 169 -18.77 -15.05 1.48
N SER A 170 -19.81 -14.59 0.79
CA SER A 170 -19.62 -13.82 -0.43
C SER A 170 -20.38 -12.50 -0.39
N ALA A 171 -19.89 -11.57 -1.19
CA ALA A 171 -20.55 -10.31 -1.43
C ALA A 171 -20.17 -9.86 -2.83
N THR A 172 -21.10 -9.16 -3.49
CA THR A 172 -20.85 -8.68 -4.84
C THR A 172 -20.77 -7.15 -4.82
N TYR A 173 -19.63 -6.62 -5.25
CA TYR A 173 -19.40 -5.18 -5.34
C TYR A 173 -19.40 -4.79 -6.82
N GLY A 174 -20.46 -4.12 -7.25
CA GLY A 174 -20.66 -3.88 -8.67
C GLY A 174 -20.68 -5.18 -9.47
N LYS A 175 -19.71 -5.32 -10.37
CA LYS A 175 -19.64 -6.49 -11.25
C LYS A 175 -18.70 -7.58 -10.74
N PHE A 176 -18.27 -7.48 -9.49
CA PHE A 176 -17.30 -8.45 -8.92
C PHE A 176 -17.82 -9.16 -7.69
N LYS A 177 -17.89 -10.49 -7.77
CA LYS A 177 -18.26 -11.29 -6.63
C LYS A 177 -17.01 -11.72 -5.87
N VAL A 178 -16.98 -11.43 -4.57
CA VAL A 178 -15.81 -11.75 -3.76
C VAL A 178 -16.23 -12.76 -2.72
N THR A 179 -15.48 -13.85 -2.62
CA THR A 179 -15.78 -14.92 -1.68
C THR A 179 -14.59 -15.17 -0.76
N THR A 180 -14.85 -15.15 0.54
CA THR A 180 -13.79 -15.33 1.51
C THR A 180 -13.67 -16.82 1.71
N LYS A 181 -12.46 -17.35 1.52
CA LYS A 181 -12.23 -18.79 1.56
C LYS A 181 -11.59 -19.28 2.86
N PHE A 182 -10.50 -18.63 3.25
CA PHE A 182 -9.77 -19.05 4.43
C PHE A 182 -9.08 -17.84 5.04
N ARG A 183 -8.68 -17.99 6.29
CA ARG A 183 -7.96 -16.93 6.98
CA ARG A 183 -7.91 -16.93 6.96
C ARG A 183 -7.01 -17.51 8.02
N THR A 184 -5.79 -16.96 8.07
CA THR A 184 -4.84 -17.27 9.11
C THR A 184 -4.61 -15.99 9.89
N ASP A 185 -4.81 -16.04 11.20
CA ASP A 185 -4.62 -14.87 12.05
C ASP A 185 -3.32 -15.05 12.81
N SER A 186 -2.37 -14.16 12.55
CA SER A 186 -1.07 -14.20 13.20
C SER A 186 -0.95 -13.13 14.28
N VAL A 187 -2.11 -12.66 14.78
CA VAL A 187 -2.24 -11.68 15.87
C VAL A 187 -1.88 -10.27 15.43
N CYS A 188 -0.63 -10.05 15.01
CA CYS A 188 -0.15 -8.77 14.47
CA CYS A 188 -0.26 -8.71 14.53
C CYS A 188 -0.73 -8.45 13.10
N TYR A 189 -1.10 -9.50 12.38
CA TYR A 189 -1.66 -9.39 11.04
C TYR A 189 -2.44 -10.66 10.70
N ALA A 190 -3.23 -10.59 9.63
CA ALA A 190 -4.05 -11.72 9.23
C ALA A 190 -4.04 -11.81 7.73
N THR A 191 -3.96 -13.04 7.22
CA THR A 191 -3.92 -13.29 5.79
C THR A 191 -5.19 -14.01 5.40
N THR A 192 -5.97 -13.40 4.50
CA THR A 192 -7.22 -13.96 4.03
C THR A 192 -7.12 -14.28 2.54
N GLY A 193 -7.54 -15.49 2.18
CA GLY A 193 -7.65 -15.89 0.77
C GLY A 193 -9.04 -15.56 0.26
N LEU A 194 -9.09 -14.76 -0.80
CA LEU A 194 -10.32 -14.35 -1.44
C LEU A 194 -10.38 -14.91 -2.85
N LYS A 195 -11.57 -15.28 -3.29
CA LYS A 195 -11.79 -15.62 -4.69
C LYS A 195 -12.57 -14.46 -5.28
N VAL A 196 -12.07 -13.91 -6.39
CA VAL A 196 -12.72 -12.77 -7.02
C VAL A 196 -13.21 -13.24 -8.38
N LYS A 197 -14.48 -13.04 -8.66
CA LYS A 197 -15.11 -13.47 -9.91
C LYS A 197 -15.65 -12.28 -10.66
N HIS A 198 -15.21 -12.12 -11.90
CA HIS A 198 -15.71 -11.09 -12.80
C HIS A 198 -16.97 -11.66 -13.39
N LEU A 199 -18.11 -11.11 -12.99
CA LEU A 199 -19.39 -11.73 -13.29
C LEU A 199 -19.72 -11.72 -14.79
N LEU A 200 -19.21 -10.73 -15.51
CA LEU A 200 -19.49 -10.61 -16.95
C LEU A 200 -18.87 -11.75 -17.76
N SER A 201 -17.66 -12.16 -17.38
CA SER A 201 -16.91 -13.17 -18.10
C SER A 201 -16.92 -14.53 -17.41
N GLY A 202 -17.23 -14.54 -16.10
CA GLY A 202 -17.17 -15.76 -15.31
C GLY A 202 -15.77 -16.14 -14.86
N GLN A 203 -14.76 -15.36 -15.24
CA GLN A 203 -13.38 -15.66 -14.88
C GLN A 203 -13.17 -15.40 -13.39
N GLU A 204 -12.22 -16.11 -12.80
CA GLU A 204 -11.97 -16.04 -11.36
C GLU A 204 -10.47 -15.91 -11.10
N ARG A 205 -10.14 -15.31 -9.97
CA ARG A 205 -8.77 -15.14 -9.56
C ARG A 205 -8.72 -15.23 -8.03
N THR A 206 -7.67 -15.81 -7.51
CA THR A 206 -7.39 -15.74 -6.08
C THR A 206 -6.68 -14.43 -5.78
N VAL A 207 -7.20 -13.70 -4.80
CA VAL A 207 -6.54 -12.51 -4.31
C VAL A 207 -6.24 -12.72 -2.83
N TRP A 208 -5.02 -12.39 -2.44
CA TRP A 208 -4.55 -12.55 -1.06
C TRP A 208 -4.64 -11.21 -0.37
N HIS A 209 -5.32 -11.17 0.77
CA HIS A 209 -5.54 -9.93 1.51
C HIS A 209 -4.77 -10.00 2.81
N LEU A 210 -3.76 -9.15 2.95
CA LEU A 210 -2.84 -9.22 4.08
C LEU A 210 -3.06 -7.96 4.92
N GLN A 211 -3.72 -8.11 6.07
CA GLN A 211 -4.10 -6.96 6.88
C GLN A 211 -3.25 -6.86 8.13
N TYR A 212 -2.55 -5.74 8.29
CA TYR A 212 -1.75 -5.50 9.50
C TYR A 212 -2.69 -4.89 10.51
N THR A 213 -2.75 -5.47 11.71
CA THR A 213 -3.76 -5.09 12.68
C THR A 213 -3.14 -4.47 13.94
N ASP A 214 -1.83 -4.37 14.00
CA ASP A 214 -1.12 -3.96 15.22
C ASP A 214 -0.79 -2.46 15.31
N TRP A 215 -1.22 -1.65 14.35
CA TRP A 215 -0.92 -0.22 14.41
C TRP A 215 -1.78 0.44 15.49
N PRO A 216 -1.15 1.13 16.45
CA PRO A 216 -1.95 1.76 17.51
C PRO A 216 -2.70 2.98 17.02
N ASP A 217 -3.61 3.49 17.85
CA ASP A 217 -4.41 4.65 17.46
C ASP A 217 -3.54 5.91 17.23
N HIS A 218 -2.49 6.04 18.03
CA HIS A 218 -1.54 7.15 17.93
C HIS A 218 -0.13 6.62 17.85
N GLY A 219 0.73 7.34 17.14
CA GLY A 219 2.16 7.02 17.09
C GLY A 219 2.42 5.88 16.13
N CYS A 220 3.28 4.96 16.54
CA CYS A 220 3.72 3.84 15.70
CA CYS A 220 3.65 3.82 15.70
C CYS A 220 3.81 2.57 16.53
N PRO A 221 3.83 1.39 15.86
CA PRO A 221 3.86 0.16 16.65
C PRO A 221 5.11 0.01 17.53
N GLU A 222 4.90 -0.52 18.73
CA GLU A 222 5.99 -0.86 19.62
C GLU A 222 6.67 -2.16 19.18
N ASP A 223 5.89 -3.07 18.60
CA ASP A 223 6.41 -4.37 18.18
C ASP A 223 6.94 -4.26 16.75
N VAL A 224 8.17 -3.80 16.65
CA VAL A 224 8.85 -3.65 15.36
C VAL A 224 8.98 -5.00 14.66
N GLN A 225 9.25 -6.06 15.43
CA GLN A 225 9.42 -7.42 14.90
CA GLN A 225 9.42 -7.40 14.87
C GLN A 225 8.15 -7.89 14.17
N GLY A 226 6.99 -7.60 14.74
CA GLY A 226 5.70 -7.93 14.11
C GLY A 226 5.49 -7.26 12.75
N PHE A 227 5.96 -6.03 12.61
CA PHE A 227 5.88 -5.34 11.33
C PHE A 227 6.86 -5.95 10.32
N LEU A 228 8.07 -6.28 10.77
CA LEU A 228 9.00 -7.03 9.91
C LEU A 228 8.39 -8.37 9.46
N SER A 229 7.73 -9.06 10.37
CA SER A 229 7.06 -10.32 10.01
C SER A 229 5.94 -10.11 8.99
N TYR A 230 5.22 -9.00 9.11
CA TYR A 230 4.20 -8.63 8.13
C TYR A 230 4.85 -8.43 6.75
N LEU A 231 5.96 -7.69 6.72
CA LEU A 231 6.71 -7.49 5.48
C LEU A 231 7.16 -8.83 4.88
N GLU A 232 7.58 -9.75 5.74
CA GLU A 232 8.01 -11.08 5.28
C GLU A 232 6.84 -11.82 4.64
N GLU A 233 5.66 -11.67 5.24
CA GLU A 233 4.45 -12.33 4.73
C GLU A 233 4.11 -11.80 3.34
N ILE A 234 4.19 -10.48 3.18
CA ILE A 234 3.97 -9.87 1.87
C ILE A 234 4.96 -10.44 0.85
N GLN A 235 6.24 -10.49 1.24
CA GLN A 235 7.29 -11.00 0.36
C GLN A 235 6.99 -12.44 -0.08
N SER A 236 6.58 -13.26 0.90
CA SER A 236 6.20 -14.67 0.72
C SER A 236 5.07 -14.81 -0.27
N VAL A 237 4.02 -14.01 -0.08
CA VAL A 237 2.83 -14.12 -0.89
C VAL A 237 3.10 -13.61 -2.30
N ARG A 238 3.85 -12.54 -2.42
CA ARG A 238 4.18 -12.03 -3.74
C ARG A 238 4.94 -13.11 -4.52
N ARG A 239 5.88 -13.76 -3.84
CA ARG A 239 6.66 -14.80 -4.51
C ARG A 239 5.78 -15.94 -5.00
N HIS A 240 4.93 -16.49 -4.12
CA HIS A 240 4.13 -17.63 -4.55
C HIS A 240 3.06 -17.27 -5.58
N THR A 241 2.50 -16.07 -5.50
CA THR A 241 1.54 -15.64 -6.53
C THR A 241 2.19 -15.38 -7.89
N ASN A 242 3.50 -15.07 -7.90
CA ASN A 242 4.22 -14.82 -9.16
C ASN A 242 5.03 -16.02 -9.65
N SER A 243 4.90 -17.18 -9.01
CA SER A 243 5.80 -18.30 -9.30
C SER A 243 5.73 -18.74 -10.76
N MET A 244 4.55 -18.67 -11.38
CA MET A 244 4.41 -19.14 -12.76
C MET A 244 4.96 -18.13 -13.78
N LEU A 245 5.39 -16.96 -13.32
CA LEU A 245 6.08 -15.98 -14.16
C LEU A 245 7.60 -16.14 -14.13
N GLU A 246 8.11 -16.99 -13.24
CA GLU A 246 9.55 -17.17 -13.08
C GLU A 246 10.15 -17.71 -14.36
N GLY A 247 11.24 -17.07 -14.82
CA GLY A 247 11.89 -17.47 -16.07
C GLY A 247 11.21 -16.98 -17.33
N THR A 248 10.28 -16.03 -17.18
CA THR A 248 9.60 -15.41 -18.32
C THR A 248 9.87 -13.92 -18.30
N LYS A 249 9.48 -13.25 -19.38
CA LYS A 249 9.55 -11.78 -19.43
C LYS A 249 8.18 -11.16 -19.16
N ASN A 250 7.26 -11.96 -18.61
CA ASN A 250 5.95 -11.45 -18.21
C ASN A 250 6.12 -10.43 -17.10
N ARG A 251 5.43 -9.30 -17.24
CA ARG A 251 5.47 -8.23 -16.23
C ARG A 251 4.81 -8.70 -14.93
N HIS A 252 5.51 -8.48 -13.82
CA HIS A 252 4.96 -8.80 -12.51
C HIS A 252 3.90 -7.76 -12.18
N PRO A 253 2.71 -8.21 -11.73
CA PRO A 253 1.67 -7.22 -11.47
C PRO A 253 1.98 -6.41 -10.24
N PRO A 254 1.33 -5.24 -10.08
CA PRO A 254 1.56 -4.46 -8.87
C PRO A 254 0.90 -5.13 -7.68
N ILE A 255 1.37 -4.85 -6.47
CA ILE A 255 0.56 -5.16 -5.29
C ILE A 255 -0.13 -3.86 -4.90
N VAL A 256 -1.32 -3.99 -4.35
CA VAL A 256 -2.03 -2.84 -3.84
C VAL A 256 -1.64 -2.65 -2.38
N VAL A 257 -1.29 -1.43 -2.02
CA VAL A 257 -1.05 -1.05 -0.64
C VAL A 257 -2.02 0.07 -0.27
N HIS A 258 -2.72 -0.11 0.85
CA HIS A 258 -3.60 0.99 1.33
C HIS A 258 -3.65 1.09 2.83
N CYS A 259 -4.01 2.29 3.29
CA CYS A 259 -4.29 2.54 4.68
C CYS A 259 -5.60 3.34 4.68
N SER A 260 -5.61 4.52 5.29
CA SER A 260 -6.76 5.41 5.23
CA SER A 260 -6.79 5.38 5.20
C SER A 260 -6.70 6.28 3.96
N ALA A 261 -5.80 7.26 3.95
CA ALA A 261 -5.65 8.15 2.78
C ALA A 261 -4.65 7.61 1.74
N GLY A 262 -3.96 6.53 2.07
CA GLY A 262 -3.01 5.90 1.15
C GLY A 262 -1.65 6.58 1.06
N VAL A 263 -1.27 7.30 2.11
CA VAL A 263 0.03 7.99 2.12
C VAL A 263 0.90 7.80 3.36
N GLY A 264 0.28 7.69 4.54
CA GLY A 264 1.02 7.62 5.80
C GLY A 264 1.63 6.24 6.00
N ARG A 265 0.81 5.33 6.50
CA ARG A 265 1.29 3.97 6.75
C ARG A 265 1.60 3.25 5.45
N THR A 266 0.86 3.58 4.40
CA THR A 266 1.17 3.08 3.05
C THR A 266 2.62 3.45 2.67
N GLY A 267 3.01 4.69 2.92
CA GLY A 267 4.39 5.11 2.70
C GLY A 267 5.41 4.41 3.57
N VAL A 268 5.06 4.16 4.81
CA VAL A 268 5.90 3.41 5.74
C VAL A 268 6.21 2.01 5.19
N LEU A 269 5.17 1.34 4.74
CA LEU A 269 5.32 -0.02 4.21
CA LEU A 269 5.32 -0.01 4.20
C LEU A 269 6.22 -0.01 2.98
N ILE A 270 5.91 0.87 2.03
CA ILE A 270 6.64 0.90 0.76
C ILE A 270 8.10 1.31 0.97
N LEU A 271 8.32 2.35 1.76
CA LEU A 271 9.70 2.79 2.03
C LEU A 271 10.48 1.71 2.77
N SER A 272 9.85 1.06 3.75
CA SER A 272 10.50 -0.04 4.45
C SER A 272 10.91 -1.19 3.51
N GLU A 273 9.99 -1.64 2.67
CA GLU A 273 10.30 -2.74 1.76
C GLU A 273 11.48 -2.38 0.83
N LEU A 274 11.43 -1.17 0.28
CA LEU A 274 12.46 -0.71 -0.63
C LEU A 274 13.83 -0.55 0.06
N MET A 275 13.83 0.03 1.24
CA MET A 275 15.09 0.25 1.96
C MET A 275 15.67 -1.06 2.48
N ILE A 276 14.81 -2.01 2.85
CA ILE A 276 15.29 -3.34 3.25
C ILE A 276 15.98 -3.99 2.06
N TYR A 277 15.35 -3.93 0.90
CA TYR A 277 16.00 -4.40 -0.32
C TYR A 277 17.34 -3.73 -0.53
N CYS A 278 17.39 -2.40 -0.43
CA CYS A 278 18.64 -1.66 -0.59
C CYS A 278 19.72 -2.12 0.39
N LEU A 279 19.32 -2.37 1.63
CA LEU A 279 20.25 -2.86 2.64
C LEU A 279 20.74 -4.27 2.31
N GLU A 280 19.83 -5.16 1.92
CA GLU A 280 20.20 -6.53 1.54
C GLU A 280 21.22 -6.60 0.40
N HIS A 281 21.15 -5.63 -0.51
CA HIS A 281 21.99 -5.62 -1.71
C HIS A 281 23.03 -4.51 -1.70
N ASN A 282 23.23 -3.88 -0.53
CA ASN A 282 24.22 -2.82 -0.37
C ASN A 282 24.10 -1.68 -1.39
N GLU A 283 22.87 -1.35 -1.76
CA GLU A 283 22.65 -0.26 -2.71
C GLU A 283 22.88 1.07 -2.00
N LYS A 284 23.51 1.99 -2.72
CA LYS A 284 23.84 3.31 -2.20
C LYS A 284 22.66 4.24 -2.42
N VAL A 285 21.69 4.14 -1.52
CA VAL A 285 20.49 4.97 -1.55
C VAL A 285 20.18 5.42 -0.13
N GLU A 286 20.05 6.73 0.07
CA GLU A 286 19.72 7.28 1.36
C GLU A 286 18.20 7.24 1.57
N VAL A 287 17.78 7.01 2.81
CA VAL A 287 16.35 6.94 3.17
C VAL A 287 15.56 8.20 2.72
N PRO A 288 16.03 9.41 3.09
CA PRO A 288 15.32 10.62 2.63
C PRO A 288 15.25 10.80 1.11
N MET A 289 16.27 10.34 0.39
CA MET A 289 16.23 10.40 -1.06
C MET A 289 15.19 9.43 -1.61
N MET A 290 15.07 8.25 -1.01
CA MET A 290 14.06 7.30 -1.47
C MET A 290 12.67 7.89 -1.17
N LEU A 291 12.53 8.57 -0.05
CA LEU A 291 11.23 9.18 0.27
C LEU A 291 10.87 10.27 -0.75
N ARG A 292 11.85 11.08 -1.13
CA ARG A 292 11.66 12.09 -2.18
C ARG A 292 11.16 11.45 -3.46
N LEU A 293 11.82 10.36 -3.87
CA LEU A 293 11.40 9.60 -5.04
C LEU A 293 9.95 9.15 -4.94
N LEU A 294 9.53 8.72 -3.75
CA LEU A 294 8.15 8.27 -3.57
C LEU A 294 7.16 9.43 -3.65
N ARG A 295 7.53 10.55 -3.05
CA ARG A 295 6.66 11.73 -3.09
C ARG A 295 6.52 12.35 -4.47
N GLU A 296 7.46 12.08 -5.37
CA GLU A 296 7.36 12.50 -6.75
C GLU A 296 6.33 11.64 -7.49
N GLN A 297 5.94 10.51 -6.89
CA GLN A 297 4.91 9.65 -7.46
C GLN A 297 3.56 9.67 -6.73
N ARG A 298 3.58 9.96 -5.43
CA ARG A 298 2.33 10.21 -4.72
C ARG A 298 2.60 11.18 -3.57
N MET A 299 1.88 12.30 -3.57
CA MET A 299 2.08 13.35 -2.59
C MET A 299 1.91 12.85 -1.16
N PHE A 300 2.65 13.49 -0.25
CA PHE A 300 2.49 13.32 1.18
C PHE A 300 2.94 11.97 1.77
N MET A 301 3.58 11.09 0.99
CA MET A 301 3.97 9.77 1.54
C MET A 301 4.74 9.93 2.85
N ILE A 302 4.31 9.20 3.89
CA ILE A 302 4.82 9.29 5.27
C ILE A 302 4.48 10.66 5.86
N GLN A 303 3.46 10.66 6.73
CA GLN A 303 2.83 11.90 7.20
C GLN A 303 3.30 12.41 8.56
N THR A 304 3.99 11.57 9.32
CA THR A 304 4.45 11.96 10.65
C THR A 304 5.89 11.57 10.89
N ILE A 305 6.52 12.29 11.84
CA ILE A 305 7.87 11.97 12.30
CA ILE A 305 7.87 11.95 12.23
C ILE A 305 7.91 10.59 12.91
N ALA A 306 6.86 10.26 13.66
CA ALA A 306 6.78 8.94 14.31
C ALA A 306 6.84 7.85 13.24
N GLN A 307 6.12 8.07 12.13
CA GLN A 307 6.12 7.13 11.01
C GLN A 307 7.51 7.00 10.41
N TYR A 308 8.13 8.14 10.17
CA TYR A 308 9.46 8.18 9.57
C TYR A 308 10.51 7.52 10.48
N LYS A 309 10.50 7.90 11.76
CA LYS A 309 11.36 7.25 12.75
C LYS A 309 11.12 5.73 12.76
N PHE A 310 9.87 5.30 12.64
CA PHE A 310 9.53 3.87 12.64
C PHE A 310 10.21 3.14 11.48
N VAL A 311 10.31 3.79 10.32
CA VAL A 311 11.03 3.18 9.19
C VAL A 311 12.47 2.89 9.60
N TYR A 312 13.11 3.87 10.24
CA TYR A 312 14.47 3.68 10.72
C TYR A 312 14.54 2.54 11.73
N GLN A 313 13.58 2.49 12.66
CA GLN A 313 13.55 1.39 13.62
C GLN A 313 13.43 0.05 12.93
N VAL A 314 12.65 0.01 11.85
CA VAL A 314 12.45 -1.23 11.11
C VAL A 314 13.76 -1.66 10.45
N LEU A 315 14.48 -0.70 9.88
CA LEU A 315 15.75 -0.99 9.20
C LEU A 315 16.81 -1.46 10.19
N ILE A 316 16.87 -0.81 11.34
CA ILE A 316 17.83 -1.17 12.39
C ILE A 316 17.57 -2.60 12.89
N GLN A 317 16.31 -2.93 13.13
CA GLN A 317 15.94 -4.25 13.62
C GLN A 317 16.20 -5.32 12.57
N PHE A 318 15.97 -4.98 11.30
CA PHE A 318 16.28 -5.88 10.20
C PHE A 318 17.78 -6.22 10.20
N LEU A 319 18.62 -5.20 10.35
CA LEU A 319 20.06 -5.40 10.37
C LEU A 319 20.49 -6.19 11.60
N GLN A 320 19.88 -5.91 12.74
CA GLN A 320 20.15 -6.68 13.97
C GLN A 320 19.79 -8.15 13.78
N ASN A 321 18.61 -8.41 13.21
CA ASN A 321 18.19 -9.78 12.89
C ASN A 321 19.18 -10.48 11.97
N SER A 322 19.80 -9.72 11.06
CA SER A 322 20.79 -10.25 10.14
C SER A 322 22.13 -10.41 10.82
#